data_7V6I
#
_entry.id   7V6I
#
_cell.length_a   113.240
_cell.length_b   113.240
_cell.length_c   79.097
_cell.angle_alpha   90.00
_cell.angle_beta   90.00
_cell.angle_gamma   120.00
#
_symmetry.space_group_name_H-M   'P 31 2 1'
#
loop_
_entity.id
_entity.type
_entity.pdbx_description
1 polymer Lacto-N-biosidase
2 branched beta-D-galactopyranose-(1-3)-2-acetamido-2-deoxy-beta-D-glucopyranose
3 water water
#
_entity_poly.entity_id   1
_entity_poly.type   'polypeptide(L)'
_entity_poly.pdbx_seq_one_letter_code
;MQQTTSTKDSSKGTTYYVSSEHGSDDNAGTSQKSPWKTLNKVNEIASDLEPGDSVLLEYGSEFNDQWLHIHDTAGTPDAP
ITISAYGDEAEGKPLIASNGVEGSQWYQDYRANVGNHKTRGTVSTTLLLKDVSYITVSNLEITNDDESVYDPIDTWQWTD
TADADGTSLDRSADRMDRTGVAGIAENGSTMSHVTLDNLNIHDVDGNLYNKHMANGGIYFMAHLPKERTSAADDAWLKEH
VSRFDHITIRNSTVKDVDRWGIAVGYTAYLNYIDKSSRWQNDFDYGDGTIDDDLIAKYGATNVLIENNTIIGAGGDAITT
MYCDRPVIQHNVGDRVSKHINSVDYTANVLNNTGNAGVGYGRVAAGIWPWRCKDPVFQYNEVYSNLNADHGNGDGQAWDA
DYGDGTLYQYNYSYGNSFASLMICNWKAVNTTFRYNISQNDKRGVFDLPSNGPGNHIYNNTVYVDADSRVLTTRSNSQAQ
FENNIFINATDEKKTEEWNIGGYYGGQVYDNNLYVNYANTPASDANAIVADDVADVLEDAGSAPTAAQASGAEYSRKGST
TVFDGYKPTTNSPAINAGKVVSDLNDYAVEHDFFGNTIKGKPDLGAVESAAALEHHHHHH
;
_entity_poly.pdbx_strand_id   A
#
loop_
_chem_comp.id
_chem_comp.type
_chem_comp.name
_chem_comp.formula
GAL D-saccharide, beta linking beta-D-galactopyranose 'C6 H12 O6'
NAG D-saccharide, beta linking 2-acetamido-2-deoxy-beta-D-glucopyranose 'C8 H15 N O6'
#
# COMPACT_ATOMS: atom_id res chain seq x y z
N GLY A 13 -2.47 17.09 31.32
CA GLY A 13 -0.98 16.99 31.54
C GLY A 13 -0.23 18.19 30.97
N THR A 14 1.04 18.01 30.59
CA THR A 14 2.04 19.10 30.33
C THR A 14 2.28 19.25 28.80
N THR A 15 2.53 20.47 28.33
CA THR A 15 2.82 20.82 26.92
C THR A 15 4.23 21.41 26.81
N TYR A 16 5.02 20.89 25.89
CA TYR A 16 6.43 21.28 25.65
C TYR A 16 6.51 21.92 24.27
N TYR A 17 7.24 23.02 24.16
CA TYR A 17 7.43 23.79 22.90
C TYR A 17 8.91 23.70 22.51
N VAL A 18 9.20 23.49 21.24
CA VAL A 18 10.58 23.48 20.69
C VAL A 18 10.60 24.38 19.44
N SER A 19 11.53 25.32 19.38
CA SER A 19 11.67 26.27 18.25
C SER A 19 13.12 26.28 17.79
N SER A 20 13.38 25.64 16.66
CA SER A 20 14.70 25.57 16.01
C SER A 20 15.35 26.97 16.02
N GLU A 21 14.60 28.03 15.71
CA GLU A 21 15.18 29.37 15.41
C GLU A 21 15.06 30.29 16.64
N HIS A 22 14.01 30.20 17.47
CA HIS A 22 13.75 31.18 18.56
C HIS A 22 14.03 30.59 19.94
N GLY A 23 14.22 29.29 20.08
CA GLY A 23 14.21 28.61 21.41
C GLY A 23 15.61 28.46 22.00
N SER A 24 15.71 28.03 23.26
CA SER A 24 16.99 27.66 23.90
C SER A 24 16.79 26.47 24.84
N ASP A 25 17.74 25.53 24.83
CA ASP A 25 17.66 24.28 25.65
C ASP A 25 17.85 24.62 27.14
N ASP A 26 18.13 25.90 27.47
CA ASP A 26 18.19 26.41 28.86
C ASP A 26 16.80 26.85 29.34
N ASN A 27 15.79 26.97 28.46
CA ASN A 27 14.41 27.36 28.84
C ASN A 27 13.71 26.17 29.49
N ALA A 28 12.61 26.39 30.21
CA ALA A 28 11.78 25.34 30.87
C ALA A 28 11.07 24.49 29.81
N GLY A 29 10.76 25.11 28.65
CA GLY A 29 10.15 24.49 27.46
C GLY A 29 8.64 24.33 27.62
N THR A 30 8.06 24.84 28.69
CA THR A 30 6.65 24.55 29.09
C THR A 30 5.76 25.71 28.63
N SER A 31 6.31 26.63 27.85
CA SER A 31 5.61 27.85 27.40
C SER A 31 6.16 28.25 26.05
N GLN A 32 5.25 28.64 25.17
CA GLN A 32 5.54 29.26 23.85
C GLN A 32 6.51 30.45 24.04
N LYS A 33 6.39 31.17 25.16
CA LYS A 33 7.25 32.30 25.56
C LYS A 33 8.70 31.81 25.69
N SER A 34 8.94 30.67 26.33
CA SER A 34 10.31 30.14 26.56
C SER A 34 10.40 28.70 26.09
N PRO A 35 10.57 28.46 24.77
CA PRO A 35 10.66 27.10 24.24
C PRO A 35 12.10 26.56 24.12
N TRP A 36 12.24 25.23 24.15
CA TRP A 36 13.51 24.53 23.85
C TRP A 36 13.94 24.80 22.40
N LYS A 37 15.19 24.45 22.07
CA LYS A 37 15.78 24.66 20.71
C LYS A 37 15.91 23.33 19.94
N THR A 38 16.29 22.22 20.62
CA THR A 38 16.61 20.91 20.00
C THR A 38 15.67 19.82 20.50
N LEU A 39 15.67 18.70 19.80
CA LEU A 39 14.79 17.55 20.06
C LEU A 39 15.45 16.66 21.13
N ASN A 40 16.67 17.00 21.56
CA ASN A 40 17.40 16.13 22.53
C ASN A 40 16.75 16.27 23.90
N LYS A 41 16.23 17.45 24.24
CA LYS A 41 15.42 17.68 25.46
C LYS A 41 14.16 16.81 25.45
N VAL A 42 13.58 16.57 24.26
CA VAL A 42 12.38 15.72 24.08
C VAL A 42 12.82 14.25 24.15
N ASN A 43 13.92 13.90 23.47
CA ASN A 43 14.46 12.50 23.49
C ASN A 43 14.71 12.07 24.94
N GLU A 44 15.20 12.98 25.79
CA GLU A 44 15.61 12.71 27.20
C GLU A 44 14.40 12.34 28.04
N ILE A 45 13.21 12.88 27.79
CA ILE A 45 12.01 12.65 28.64
C ILE A 45 11.01 11.76 27.89
N ALA A 46 11.37 11.26 26.70
CA ALA A 46 10.42 10.63 25.75
C ALA A 46 9.66 9.53 26.47
N SER A 47 10.38 8.63 27.13
CA SER A 47 9.79 7.41 27.76
C SER A 47 9.08 7.79 29.06
N ASP A 48 9.24 9.03 29.55
CA ASP A 48 8.55 9.54 30.77
C ASP A 48 7.31 10.38 30.42
N LEU A 49 7.08 10.68 29.13
CA LEU A 49 5.87 11.43 28.68
C LEU A 49 4.63 10.72 29.24
N GLU A 50 3.59 11.47 29.57
CA GLU A 50 2.40 10.96 30.31
C GLU A 50 1.11 11.30 29.59
N PRO A 51 0.01 10.58 29.90
CA PRO A 51 -1.29 10.90 29.31
C PRO A 51 -1.56 12.40 29.31
N GLY A 52 -1.93 12.95 28.16
CA GLY A 52 -2.27 14.37 28.03
C GLY A 52 -1.09 15.22 27.63
N ASP A 53 0.14 14.71 27.77
CA ASP A 53 1.38 15.42 27.40
C ASP A 53 1.39 15.70 25.89
N SER A 54 1.92 16.85 25.49
CA SER A 54 2.10 17.24 24.08
C SER A 54 3.54 17.67 23.90
N VAL A 55 4.08 17.48 22.69
CA VAL A 55 5.37 18.09 22.28
C VAL A 55 5.10 18.82 20.98
N LEU A 56 5.20 20.15 20.99
CA LEU A 56 4.81 21.00 19.85
C LEU A 56 6.06 21.66 19.29
N LEU A 57 6.29 21.44 18.00
CA LEU A 57 7.45 21.94 17.22
C LEU A 57 6.97 23.08 16.33
N GLU A 58 7.71 24.19 16.28
CA GLU A 58 7.19 25.47 15.73
C GLU A 58 7.31 25.46 14.22
N TYR A 59 6.20 25.76 13.54
CA TYR A 59 6.13 25.94 12.07
C TYR A 59 7.35 26.77 11.66
N GLY A 60 8.07 26.32 10.64
CA GLY A 60 9.30 26.97 10.17
C GLY A 60 10.53 26.39 10.82
N SER A 61 10.41 25.58 11.88
CA SER A 61 11.59 24.87 12.45
C SER A 61 12.19 23.93 11.38
N GLU A 62 13.50 23.74 11.52
CA GLU A 62 14.33 22.70 10.88
C GLU A 62 15.19 22.09 11.99
N PHE A 63 15.01 20.81 12.29
CA PHE A 63 15.84 20.01 13.22
C PHE A 63 16.75 19.11 12.37
N ASN A 64 17.82 19.69 11.79
CA ASN A 64 18.80 19.03 10.86
C ASN A 64 19.75 18.17 11.67
N ASP A 65 20.18 17.04 11.13
CA ASP A 65 20.94 15.96 11.83
C ASP A 65 20.27 15.64 13.17
N GLN A 66 18.94 15.69 13.26
CA GLN A 66 18.22 15.34 14.52
C GLN A 66 17.19 14.22 14.26
N TRP A 67 16.56 13.71 15.32
CA TRP A 67 15.60 12.59 15.28
C TRP A 67 14.72 12.59 16.53
N LEU A 68 13.62 11.85 16.50
CA LEU A 68 12.72 11.69 17.66
C LEU A 68 12.42 10.20 17.90
N HIS A 69 13.08 9.59 18.90
CA HIS A 69 12.88 8.18 19.31
C HIS A 69 12.07 8.12 20.61
N ILE A 70 10.77 7.88 20.49
CA ILE A 70 9.82 7.71 21.63
C ILE A 70 9.59 6.21 21.87
N HIS A 71 9.68 5.76 23.12
CA HIS A 71 9.68 4.31 23.46
C HIS A 71 9.01 4.08 24.83
N ASP A 72 8.29 2.96 24.95
CA ASP A 72 7.88 2.38 26.27
C ASP A 72 7.08 3.40 27.08
N THR A 73 6.04 3.96 26.53
CA THR A 73 5.13 4.88 27.25
C THR A 73 3.80 4.84 26.51
N ALA A 74 2.77 5.48 27.06
CA ALA A 74 1.40 5.47 26.49
C ALA A 74 0.60 6.66 26.99
N GLY A 75 -0.28 7.19 26.15
CA GLY A 75 -1.46 7.95 26.61
C GLY A 75 -2.57 7.02 27.11
N THR A 76 -3.76 7.59 27.29
CA THR A 76 -4.99 6.89 27.72
C THR A 76 -6.09 7.31 26.75
N PRO A 77 -7.17 6.52 26.62
CA PRO A 77 -8.25 6.83 25.67
C PRO A 77 -8.70 8.30 25.75
N ASP A 78 -8.65 8.89 26.96
CA ASP A 78 -9.17 10.25 27.26
C ASP A 78 -8.06 11.29 27.19
N ALA A 79 -6.82 10.93 27.55
CA ALA A 79 -5.63 11.82 27.52
C ALA A 79 -4.53 11.16 26.69
N PRO A 80 -4.51 11.40 25.36
CA PRO A 80 -3.48 10.88 24.48
C PRO A 80 -2.23 11.77 24.51
N ILE A 81 -1.09 11.20 24.12
CA ILE A 81 0.15 11.99 23.84
C ILE A 81 0.00 12.58 22.44
N THR A 82 0.47 13.82 22.24
CA THR A 82 0.46 14.49 20.92
C THR A 82 1.85 15.02 20.58
N ILE A 83 2.38 14.64 19.43
CA ILE A 83 3.50 15.33 18.73
C ILE A 83 2.93 16.09 17.52
N SER A 84 2.92 17.41 17.56
CA SER A 84 2.41 18.25 16.46
C SER A 84 3.25 19.53 16.36
N ALA A 85 2.74 20.49 15.57
CA ALA A 85 3.28 21.84 15.32
C ALA A 85 2.48 22.86 16.12
N TYR A 86 3.06 24.04 16.30
CA TYR A 86 2.37 25.25 16.85
C TYR A 86 2.93 26.45 16.09
N GLY A 87 2.22 27.57 16.11
CA GLY A 87 2.70 28.85 15.56
C GLY A 87 2.04 29.16 14.22
N ASP A 88 2.75 29.83 13.31
CA ASP A 88 2.21 30.32 12.03
C ASP A 88 2.34 29.17 11.01
N GLU A 89 1.21 28.50 10.77
CA GLU A 89 1.01 27.44 9.75
C GLU A 89 1.73 27.79 8.46
N ALA A 90 1.73 29.06 8.09
CA ALA A 90 2.22 29.57 6.80
C ALA A 90 3.75 29.43 6.68
N GLU A 91 4.48 29.21 7.79
CA GLU A 91 5.96 29.10 7.78
C GLU A 91 6.39 27.69 7.31
N GLY A 92 5.44 26.77 7.15
CA GLY A 92 5.64 25.38 6.70
C GLY A 92 5.81 24.43 7.89
N LYS A 93 5.38 23.17 7.73
CA LYS A 93 5.43 22.15 8.81
C LYS A 93 6.86 22.03 9.33
N PRO A 94 7.07 21.95 10.66
CA PRO A 94 8.42 21.73 11.19
C PRO A 94 9.09 20.52 10.53
N LEU A 95 10.34 20.69 10.10
CA LEU A 95 11.13 19.61 9.48
C LEU A 95 11.94 18.89 10.56
N ILE A 96 11.84 17.56 10.60
CA ILE A 96 12.79 16.65 11.29
C ILE A 96 13.58 15.93 10.20
N ALA A 97 14.90 16.11 10.20
CA ALA A 97 15.81 15.67 9.14
C ALA A 97 17.00 14.96 9.80
N SER A 98 16.85 13.67 10.09
CA SER A 98 17.93 12.83 10.68
C SER A 98 19.16 12.72 9.76
N ASN A 99 19.01 12.76 8.43
CA ASN A 99 20.12 12.65 7.45
C ASN A 99 20.99 11.40 7.70
N GLY A 100 20.42 10.32 8.21
CA GLY A 100 21.14 9.04 8.36
C GLY A 100 22.11 9.02 9.52
N VAL A 101 22.10 10.05 10.37
CA VAL A 101 23.17 10.22 11.40
C VAL A 101 23.11 8.99 12.30
N GLU A 102 24.29 8.64 12.82
CA GLU A 102 24.53 7.48 13.70
C GLU A 102 23.65 7.59 14.94
N GLY A 103 23.36 8.80 15.42
CA GLY A 103 22.46 9.00 16.58
C GLY A 103 21.03 8.55 16.33
N SER A 104 20.62 8.38 15.07
CA SER A 104 19.24 8.03 14.64
C SER A 104 19.08 6.52 14.58
N GLN A 105 20.19 5.79 14.72
CA GLN A 105 20.25 4.34 14.40
C GLN A 105 19.81 3.54 15.62
N TRP A 106 19.36 2.32 15.36
CA TRP A 106 18.94 1.35 16.39
C TRP A 106 19.02 -0.04 15.78
N TYR A 107 19.02 -1.05 16.65
CA TYR A 107 19.18 -2.48 16.29
C TYR A 107 17.79 -3.11 16.16
N GLN A 108 17.44 -3.53 14.95
CA GLN A 108 16.19 -4.27 14.64
C GLN A 108 16.46 -5.78 14.64
N ASP A 109 15.59 -6.51 15.34
CA ASP A 109 15.67 -7.97 15.44
C ASP A 109 14.27 -8.52 15.71
N TYR A 110 13.75 -9.27 14.74
CA TYR A 110 12.44 -9.95 14.88
C TYR A 110 12.50 -11.04 15.97
N ARG A 111 13.71 -11.59 16.18
CA ARG A 111 14.04 -12.58 17.24
C ARG A 111 13.48 -13.95 16.83
N ALA A 112 13.16 -14.11 15.54
CA ALA A 112 12.92 -15.43 14.94
C ALA A 112 13.12 -15.31 13.43
N ASN A 113 13.04 -16.45 12.72
CA ASN A 113 13.13 -16.52 11.25
C ASN A 113 11.77 -16.13 10.67
N VAL A 114 11.70 -15.05 9.90
CA VAL A 114 10.40 -14.50 9.42
C VAL A 114 10.42 -14.35 7.89
N GLY A 115 11.02 -15.31 7.21
CA GLY A 115 11.15 -15.35 5.75
C GLY A 115 12.60 -15.30 5.32
N ASN A 116 12.85 -15.75 4.09
CA ASN A 116 14.14 -15.64 3.39
C ASN A 116 14.41 -14.17 3.10
N HIS A 117 14.70 -13.38 4.14
CA HIS A 117 14.96 -11.92 4.04
C HIS A 117 15.99 -11.52 5.09
N LYS A 118 16.68 -10.41 4.88
CA LYS A 118 17.40 -9.72 5.99
C LYS A 118 16.35 -9.15 6.96
N THR A 119 16.38 -9.61 8.22
CA THR A 119 15.36 -9.31 9.27
C THR A 119 16.07 -8.98 10.58
N ARG A 120 17.31 -8.51 10.49
CA ARG A 120 18.26 -8.30 11.61
C ARG A 120 19.32 -7.30 11.14
N GLY A 121 19.51 -6.17 11.82
CA GLY A 121 20.48 -5.16 11.37
C GLY A 121 20.25 -3.77 11.93
N THR A 122 21.12 -2.86 11.51
CA THR A 122 21.09 -1.43 11.92
C THR A 122 20.01 -0.74 11.09
N VAL A 123 19.27 0.16 11.72
CA VAL A 123 18.23 0.97 11.03
C VAL A 123 18.36 2.41 11.50
N SER A 124 18.41 3.33 10.53
CA SER A 124 18.30 4.79 10.75
C SER A 124 16.83 5.17 10.63
N THR A 125 16.25 5.75 11.67
CA THR A 125 14.84 6.18 11.67
C THR A 125 14.74 7.61 12.21
N THR A 126 14.08 8.49 11.47
CA THR A 126 13.89 9.90 11.85
C THR A 126 12.94 9.95 13.05
N LEU A 127 11.75 9.34 12.92
CA LEU A 127 10.74 9.24 14.03
C LEU A 127 10.42 7.78 14.33
N LEU A 128 10.87 7.29 15.47
CA LEU A 128 10.70 5.89 15.91
C LEU A 128 9.66 5.88 17.03
N LEU A 129 8.59 5.09 16.91
CA LEU A 129 7.63 4.82 18.03
C LEU A 129 7.73 3.34 18.40
N LYS A 130 8.43 3.04 19.51
CA LYS A 130 8.67 1.64 19.98
C LYS A 130 7.78 1.40 21.20
N ASP A 131 6.76 0.56 21.05
CA ASP A 131 5.80 0.22 22.12
C ASP A 131 5.33 1.52 22.78
N VAL A 132 4.74 2.40 21.98
CA VAL A 132 3.99 3.61 22.41
C VAL A 132 2.54 3.39 21.99
N SER A 133 1.58 3.54 22.91
CA SER A 133 0.12 3.51 22.58
C SER A 133 -0.54 4.87 22.83
N TYR A 134 -1.70 5.10 22.24
CA TYR A 134 -2.54 6.31 22.47
C TYR A 134 -1.71 7.57 22.23
N ILE A 135 -1.09 7.64 21.07
CA ILE A 135 -0.26 8.79 20.66
C ILE A 135 -0.75 9.22 19.27
N THR A 136 -0.84 10.52 19.04
CA THR A 136 -1.12 11.14 17.71
C THR A 136 0.15 11.90 17.29
N VAL A 137 0.65 11.68 16.08
CA VAL A 137 1.76 12.46 15.50
C VAL A 137 1.18 13.14 14.27
N SER A 138 1.27 14.46 14.16
CA SER A 138 0.68 15.22 13.01
C SER A 138 1.53 16.44 12.64
N ASN A 139 1.39 16.91 11.40
CA ASN A 139 1.79 18.26 10.93
C ASN A 139 3.32 18.39 10.91
N LEU A 140 4.03 17.29 10.65
CA LEU A 140 5.52 17.29 10.63
C LEU A 140 6.03 17.03 9.22
N GLU A 141 7.17 17.63 8.86
CA GLU A 141 7.96 17.26 7.66
C GLU A 141 9.08 16.32 8.11
N ILE A 142 9.20 15.17 7.46
CA ILE A 142 10.14 14.12 7.91
C ILE A 142 10.91 13.61 6.70
N THR A 143 12.23 13.74 6.74
CA THR A 143 13.17 13.26 5.71
C THR A 143 14.18 12.34 6.37
N ASN A 144 14.85 11.51 5.58
CA ASN A 144 16.03 10.73 6.03
C ASN A 144 16.96 10.66 4.82
N ASP A 145 17.49 11.83 4.48
CA ASP A 145 18.19 12.10 3.21
C ASP A 145 19.63 11.58 3.33
N ASP A 146 20.13 11.00 2.24
CA ASP A 146 21.57 10.81 1.96
C ASP A 146 21.90 11.76 0.81
N GLU A 147 22.66 12.82 1.10
CA GLU A 147 23.05 13.83 0.08
C GLU A 147 23.78 13.15 -1.09
N SER A 148 24.29 11.92 -0.92
CA SER A 148 25.03 11.18 -1.98
C SER A 148 24.08 10.31 -2.82
N VAL A 149 22.78 10.31 -2.51
CA VAL A 149 21.74 9.64 -3.35
C VAL A 149 20.80 10.71 -3.90
N TYR A 150 20.67 10.80 -5.21
CA TYR A 150 19.75 11.72 -5.89
C TYR A 150 19.10 10.99 -7.05
N ASP A 151 17.79 10.75 -6.96
CA ASP A 151 17.00 10.13 -8.06
C ASP A 151 15.57 10.59 -7.92
N PRO A 152 15.28 11.88 -8.11
CA PRO A 152 13.95 12.40 -7.80
C PRO A 152 12.95 11.87 -8.83
N ILE A 153 11.74 11.53 -8.40
CA ILE A 153 10.64 11.06 -9.28
C ILE A 153 10.13 12.20 -10.18
N ASP A 154 10.14 13.45 -9.71
CA ASP A 154 9.64 14.64 -10.48
C ASP A 154 10.26 14.68 -11.89
N THR A 155 11.53 14.31 -12.06
CA THR A 155 12.29 14.36 -13.34
C THR A 155 12.83 12.98 -13.71
N TRP A 156 12.38 11.91 -13.05
CA TRP A 156 12.83 10.52 -13.32
C TRP A 156 12.44 10.13 -14.75
N GLN A 157 13.30 9.35 -15.43
CA GLN A 157 12.96 8.66 -16.70
C GLN A 157 13.80 7.39 -16.82
N TRP A 158 13.31 6.42 -17.59
CA TRP A 158 14.07 5.21 -17.97
C TRP A 158 15.33 5.65 -18.73
N THR A 159 16.49 5.28 -18.22
CA THR A 159 17.81 5.43 -18.88
C THR A 159 18.41 4.02 -19.01
N ASP A 160 18.97 3.73 -20.19
CA ASP A 160 19.56 2.40 -20.52
C ASP A 160 20.68 2.08 -19.53
N THR A 161 21.52 3.07 -19.17
CA THR A 161 22.65 2.90 -18.22
C THR A 161 22.29 3.53 -16.87
N ALA A 162 23.03 3.09 -15.84
CA ALA A 162 22.94 3.51 -14.43
C ALA A 162 23.42 4.96 -14.27
N ASP A 163 22.75 5.75 -13.43
CA ASP A 163 23.20 7.09 -12.96
C ASP A 163 23.38 8.08 -14.13
N ALA A 164 22.45 8.12 -15.08
CA ALA A 164 22.44 9.12 -16.16
C ALA A 164 21.81 10.43 -15.66
N ASP A 165 22.14 11.52 -16.32
CA ASP A 165 21.62 12.89 -16.08
C ASP A 165 21.88 13.30 -14.63
N GLY A 166 23.07 12.93 -14.10
CA GLY A 166 23.53 13.23 -12.73
C GLY A 166 22.55 12.75 -11.69
N THR A 167 21.88 11.62 -11.91
CA THR A 167 21.29 10.84 -10.81
C THR A 167 22.42 9.98 -10.22
N SER A 168 22.26 9.59 -8.95
CA SER A 168 23.26 8.77 -8.22
C SER A 168 22.54 7.83 -7.25
N LEU A 169 22.76 6.52 -7.37
CA LEU A 169 22.14 5.49 -6.50
C LEU A 169 23.26 4.65 -5.87
N ASP A 170 23.04 4.24 -4.62
CA ASP A 170 23.83 3.20 -3.93
C ASP A 170 23.08 1.87 -4.09
N ARG A 171 23.57 0.99 -4.99
CA ARG A 171 22.93 -0.30 -5.33
C ARG A 171 23.42 -1.43 -4.40
N SER A 172 24.28 -1.14 -3.41
CA SER A 172 24.82 -2.09 -2.41
C SER A 172 23.65 -2.90 -1.84
N ALA A 173 23.79 -4.22 -1.80
CA ALA A 173 22.86 -5.12 -1.09
C ALA A 173 22.90 -4.80 0.39
N ASP A 174 24.04 -4.35 0.92
CA ASP A 174 24.22 -4.13 2.39
C ASP A 174 24.09 -2.65 2.77
N ARG A 175 23.61 -1.80 1.88
CA ARG A 175 23.20 -0.41 2.22
C ARG A 175 22.34 -0.43 3.49
N MET A 176 22.64 0.43 4.47
CA MET A 176 21.92 0.50 5.75
C MET A 176 20.46 0.85 5.46
N ASP A 177 19.54 0.15 6.12
CA ASP A 177 18.08 0.37 6.03
C ASP A 177 17.69 1.71 6.71
N ARG A 178 16.74 2.42 6.11
CA ARG A 178 16.24 3.72 6.61
C ARG A 178 14.72 3.75 6.62
N THR A 179 14.14 4.42 7.60
CA THR A 179 12.68 4.64 7.62
C THR A 179 12.44 6.11 8.01
N GLY A 180 11.38 6.71 7.48
CA GLY A 180 10.90 8.03 7.93
C GLY A 180 10.21 7.88 9.26
N VAL A 181 9.17 7.07 9.33
CA VAL A 181 8.49 6.68 10.59
C VAL A 181 8.53 5.16 10.73
N ALA A 182 9.05 4.64 11.84
CA ALA A 182 8.99 3.20 12.20
C ALA A 182 8.11 3.04 13.43
N GLY A 183 7.10 2.20 13.34
CA GLY A 183 6.31 1.73 14.48
C GLY A 183 6.73 0.31 14.81
N ILE A 184 7.33 0.11 15.97
CA ILE A 184 7.89 -1.21 16.37
C ILE A 184 7.15 -1.66 17.64
N ALA A 185 6.54 -2.84 17.62
CA ALA A 185 6.07 -3.53 18.85
C ALA A 185 7.01 -4.71 19.19
N GLU A 186 7.64 -4.73 20.37
CA GLU A 186 8.51 -5.88 20.77
C GLU A 186 8.49 -6.12 22.31
N ASN A 187 7.40 -5.79 22.99
CA ASN A 187 7.25 -5.99 24.47
C ASN A 187 6.41 -7.24 24.73
N GLY A 188 5.91 -7.89 23.68
CA GLY A 188 4.79 -8.84 23.78
C GLY A 188 3.54 -8.21 24.39
N SER A 189 3.31 -6.92 24.16
CA SER A 189 2.00 -6.25 24.43
C SER A 189 1.41 -5.70 23.12
N THR A 190 0.14 -5.31 23.16
CA THR A 190 -0.55 -4.64 22.03
C THR A 190 -0.17 -3.17 22.04
N MET A 191 0.42 -2.73 20.93
CA MET A 191 0.70 -1.31 20.63
C MET A 191 -0.49 -0.75 19.87
N SER A 192 -1.27 0.15 20.47
CA SER A 192 -2.65 0.48 20.03
C SER A 192 -2.86 1.98 19.91
N HIS A 193 -3.82 2.41 19.07
CA HIS A 193 -4.28 3.82 18.96
C HIS A 193 -3.09 4.74 18.66
N VAL A 194 -2.40 4.45 17.57
CA VAL A 194 -1.32 5.28 16.95
C VAL A 194 -1.93 6.00 15.75
N THR A 195 -1.92 7.33 15.76
CA THR A 195 -2.42 8.13 14.62
C THR A 195 -1.25 8.94 14.05
N LEU A 196 -0.95 8.71 12.78
CA LEU A 196 -0.13 9.58 11.91
C LEU A 196 -1.06 10.38 11.01
N ASP A 197 -0.96 11.71 11.05
CA ASP A 197 -1.91 12.60 10.33
C ASP A 197 -1.16 13.78 9.72
N ASN A 198 -1.17 13.88 8.40
CA ASN A 198 -0.73 15.11 7.69
C ASN A 198 0.78 15.25 7.89
N LEU A 199 1.49 14.14 7.68
CA LEU A 199 2.97 14.09 7.63
C LEU A 199 3.36 14.26 6.18
N ASN A 200 4.50 14.93 5.93
CA ASN A 200 5.13 15.08 4.60
C ASN A 200 6.48 14.36 4.67
N ILE A 201 6.48 13.09 4.29
CA ILE A 201 7.66 12.20 4.41
C ILE A 201 8.28 12.09 3.02
N HIS A 202 9.55 12.40 2.89
CA HIS A 202 10.22 12.34 1.57
C HIS A 202 11.74 12.15 1.74
N ASP A 203 12.40 11.67 0.69
CA ASP A 203 13.86 11.50 0.66
C ASP A 203 14.27 10.71 1.90
N VAL A 204 13.68 9.51 2.04
CA VAL A 204 14.12 8.40 2.94
C VAL A 204 14.90 7.41 2.08
N ASP A 205 16.24 7.49 2.12
CA ASP A 205 17.17 6.84 1.15
C ASP A 205 17.60 5.48 1.72
N GLY A 206 16.66 4.56 1.82
CA GLY A 206 16.88 3.24 2.43
C GLY A 206 17.58 2.31 1.47
N ASN A 207 17.61 1.04 1.85
CA ASN A 207 18.17 -0.08 1.05
C ASN A 207 17.20 -0.27 -0.12
N LEU A 208 17.69 -0.55 -1.32
CA LEU A 208 16.81 -0.64 -2.50
C LEU A 208 16.04 -1.96 -2.44
N TYR A 209 16.60 -2.96 -1.75
CA TYR A 209 16.26 -4.40 -1.88
C TYR A 209 15.31 -4.83 -0.76
N ASN A 210 15.64 -4.48 0.48
CA ASN A 210 15.11 -5.19 1.67
C ASN A 210 13.61 -4.88 1.82
N LYS A 211 12.82 -5.94 1.99
CA LYS A 211 11.35 -5.87 2.08
C LYS A 211 10.85 -5.84 3.52
N HIS A 212 11.62 -6.32 4.50
CA HIS A 212 11.08 -6.59 5.87
C HIS A 212 11.95 -6.06 7.02
N MET A 213 13.01 -5.31 6.72
CA MET A 213 13.61 -4.34 7.65
C MET A 213 12.73 -3.09 7.63
N ALA A 214 12.91 -2.17 8.58
CA ALA A 214 12.14 -0.92 8.65
C ALA A 214 12.74 0.04 7.60
N ASN A 215 12.40 -0.24 6.35
CA ASN A 215 13.10 0.29 5.17
C ASN A 215 12.08 0.95 4.23
N GLY A 216 11.86 2.25 4.41
CA GLY A 216 10.95 3.04 3.55
C GLY A 216 10.28 4.19 4.27
N GLY A 217 9.24 4.74 3.63
CA GLY A 217 8.50 5.89 4.13
C GLY A 217 8.02 5.66 5.54
N ILE A 218 7.04 4.77 5.67
CA ILE A 218 6.43 4.33 6.95
C ILE A 218 6.40 2.78 7.01
N TYR A 219 6.86 2.23 8.12
CA TYR A 219 6.86 0.77 8.36
C TYR A 219 6.56 0.51 9.83
N PHE A 220 5.52 -0.29 10.04
CA PHE A 220 5.12 -0.89 11.33
C PHE A 220 5.38 -2.40 11.22
N MET A 221 6.20 -2.95 12.12
CA MET A 221 6.39 -4.43 12.29
C MET A 221 6.46 -4.82 13.77
N ALA A 222 6.17 -6.09 14.06
CA ALA A 222 6.11 -6.66 15.43
C ALA A 222 7.21 -7.71 15.54
N HIS A 223 7.94 -7.70 16.66
CA HIS A 223 9.07 -8.62 16.96
C HIS A 223 8.67 -9.51 18.13
N LEU A 224 9.26 -10.70 18.25
CA LEU A 224 9.11 -11.49 19.51
C LEU A 224 9.81 -10.69 20.60
N PRO A 225 9.28 -10.71 21.85
CA PRO A 225 9.93 -10.03 22.97
C PRO A 225 11.14 -10.82 23.48
N LYS A 226 11.28 -12.11 23.14
CA LYS A 226 12.55 -12.86 23.34
C LYS A 226 12.61 -14.02 22.35
N GLU A 227 13.81 -14.52 22.07
CA GLU A 227 14.05 -15.64 21.12
C GLU A 227 13.16 -16.80 21.56
N ARG A 228 12.66 -17.58 20.61
CA ARG A 228 11.98 -18.89 20.83
C ARG A 228 12.95 -20.04 20.60
N THR A 229 13.38 -20.70 21.67
CA THR A 229 14.36 -21.81 21.62
C THR A 229 13.71 -23.11 21.10
N SER A 230 12.50 -23.43 21.56
CA SER A 230 11.82 -24.71 21.24
C SER A 230 10.31 -24.55 21.35
N ALA A 231 9.56 -25.60 21.02
CA ALA A 231 8.08 -25.62 21.15
C ALA A 231 7.65 -25.31 22.59
N ALA A 232 8.50 -25.64 23.56
CA ALA A 232 8.25 -25.44 25.00
C ALA A 232 7.93 -23.95 25.27
N ASP A 233 8.35 -23.02 24.41
CA ASP A 233 8.22 -21.54 24.62
C ASP A 233 6.87 -20.99 24.10
N ASP A 234 6.20 -21.73 23.20
CA ASP A 234 4.94 -21.31 22.54
C ASP A 234 3.87 -20.93 23.59
N ALA A 235 3.62 -21.76 24.59
CA ALA A 235 2.60 -21.50 25.64
C ALA A 235 2.75 -20.06 26.14
N TRP A 236 3.98 -19.62 26.39
CA TRP A 236 4.29 -18.25 26.90
C TRP A 236 4.16 -17.23 25.76
N LEU A 237 4.90 -17.47 24.66
CA LEU A 237 4.90 -16.65 23.43
C LEU A 237 3.46 -16.35 22.99
N LYS A 238 2.56 -17.35 22.97
CA LYS A 238 1.16 -17.14 22.49
C LYS A 238 0.34 -16.30 23.47
N GLU A 239 0.84 -15.98 24.66
CA GLU A 239 0.09 -15.21 25.70
C GLU A 239 0.75 -13.85 25.95
N HIS A 240 1.88 -13.56 25.29
CA HIS A 240 2.56 -12.24 25.27
C HIS A 240 2.90 -11.85 23.82
N VAL A 241 1.85 -11.54 23.03
CA VAL A 241 1.94 -11.29 21.56
C VAL A 241 2.12 -9.79 21.33
N SER A 242 3.26 -9.42 20.77
CA SER A 242 3.57 -8.08 20.22
C SER A 242 2.71 -7.91 18.96
N ARG A 243 1.78 -6.96 18.98
CA ARG A 243 0.85 -6.78 17.86
C ARG A 243 0.29 -5.36 17.88
N PHE A 244 -0.40 -5.01 16.80
CA PHE A 244 -0.94 -3.67 16.57
C PHE A 244 -2.46 -3.70 16.59
N ASP A 245 -3.06 -2.61 17.08
CA ASP A 245 -4.52 -2.34 17.01
C ASP A 245 -4.77 -0.84 16.82
N HIS A 246 -5.73 -0.47 16.01
CA HIS A 246 -6.14 0.94 15.85
C HIS A 246 -4.93 1.78 15.40
N ILE A 247 -4.27 1.36 14.33
CA ILE A 247 -3.22 2.19 13.65
C ILE A 247 -3.94 2.94 12.55
N THR A 248 -3.83 4.25 12.55
CA THR A 248 -4.38 5.12 11.49
C THR A 248 -3.23 5.92 10.87
N ILE A 249 -3.15 5.91 9.55
CA ILE A 249 -2.23 6.80 8.77
C ILE A 249 -3.13 7.57 7.81
N ARG A 250 -3.21 8.90 7.95
CA ARG A 250 -4.12 9.69 7.08
C ARG A 250 -3.49 11.01 6.67
N ASN A 251 -3.97 11.58 5.56
CA ASN A 251 -3.64 12.93 5.01
C ASN A 251 -2.13 13.13 4.80
N SER A 252 -1.36 12.06 4.69
CA SER A 252 0.12 12.09 4.67
C SER A 252 0.63 11.89 3.24
N THR A 253 1.78 12.48 2.92
CA THR A 253 2.49 12.32 1.65
C THR A 253 3.75 11.51 1.96
N VAL A 254 4.05 10.52 1.11
CA VAL A 254 5.29 9.70 1.16
C VAL A 254 5.89 9.78 -0.23
N LYS A 255 7.08 10.35 -0.37
CA LYS A 255 7.64 10.69 -1.70
C LYS A 255 9.15 10.47 -1.70
N ASP A 256 9.67 9.95 -2.82
CA ASP A 256 11.10 9.58 -3.00
C ASP A 256 11.61 8.86 -1.73
N VAL A 257 11.09 7.68 -1.46
CA VAL A 257 11.56 6.80 -0.35
C VAL A 257 11.98 5.46 -0.95
N ASP A 258 12.98 4.82 -0.36
CA ASP A 258 13.33 3.41 -0.63
C ASP A 258 13.28 2.60 0.67
N ARG A 259 12.73 1.38 0.61
CA ARG A 259 12.12 0.76 -0.56
C ARG A 259 10.60 1.02 -0.54
N TRP A 260 9.96 0.67 0.58
CA TRP A 260 8.49 0.64 0.69
C TRP A 260 7.97 2.06 0.90
N GLY A 261 6.78 2.34 0.36
CA GLY A 261 6.00 3.55 0.64
C GLY A 261 5.44 3.49 2.04
N ILE A 262 4.31 2.79 2.21
CA ILE A 262 3.70 2.48 3.53
C ILE A 262 3.54 0.96 3.66
N ALA A 263 4.09 0.39 4.72
CA ALA A 263 3.97 -1.05 5.05
C ALA A 263 3.57 -1.18 6.52
N VAL A 264 2.48 -1.92 6.78
CA VAL A 264 1.92 -2.07 8.15
C VAL A 264 1.65 -3.57 8.37
N GLY A 265 2.37 -4.19 9.30
CA GLY A 265 1.90 -5.39 10.02
C GLY A 265 2.81 -6.62 9.90
N TYR A 266 3.98 -6.54 9.24
CA TYR A 266 4.89 -7.71 9.20
C TYR A 266 5.26 -8.08 10.64
N THR A 267 5.20 -9.37 10.96
CA THR A 267 5.22 -9.82 12.37
C THR A 267 5.93 -11.17 12.47
N ALA A 268 6.76 -11.32 13.50
CA ALA A 268 7.38 -12.61 13.93
C ALA A 268 6.30 -13.68 14.12
N TYR A 269 5.08 -13.27 14.50
CA TYR A 269 3.95 -14.17 14.84
C TYR A 269 3.35 -14.74 13.56
N LEU A 270 3.88 -14.38 12.39
CA LEU A 270 3.51 -15.04 11.11
C LEU A 270 3.87 -16.53 11.23
N ASN A 271 4.70 -16.92 12.19
CA ASN A 271 5.08 -18.35 12.37
C ASN A 271 3.91 -19.14 12.95
N TYR A 272 2.98 -18.48 13.65
CA TYR A 272 1.69 -19.05 14.08
C TYR A 272 0.67 -18.94 12.95
N ILE A 273 0.49 -17.75 12.38
CA ILE A 273 -0.53 -17.52 11.33
C ILE A 273 -0.21 -18.41 10.12
N ASP A 274 1.07 -18.52 9.73
CA ASP A 274 1.53 -19.32 8.55
C ASP A 274 2.05 -20.69 8.96
N LYS A 275 1.77 -21.09 10.21
CA LYS A 275 1.88 -22.47 10.74
C LYS A 275 3.26 -23.09 10.41
N SER A 276 4.33 -22.46 10.88
CA SER A 276 5.71 -22.99 10.74
C SER A 276 5.88 -24.19 11.68
N SER A 277 6.51 -25.26 11.23
CA SER A 277 6.87 -26.43 12.06
C SER A 277 8.19 -26.13 12.77
N ARG A 278 9.26 -25.95 12.00
CA ARG A 278 10.65 -25.87 12.49
C ARG A 278 11.01 -24.41 12.86
N TRP A 279 10.23 -23.40 12.43
CA TRP A 279 10.59 -21.95 12.47
C TRP A 279 11.89 -21.70 11.67
N GLN A 280 12.05 -22.43 10.56
CA GLN A 280 13.25 -22.32 9.68
C GLN A 280 12.78 -21.87 8.29
N ASN A 281 11.86 -20.90 8.24
CA ASN A 281 11.33 -20.29 6.99
C ASN A 281 10.51 -21.32 6.20
N ASP A 282 10.03 -22.36 6.90
CA ASP A 282 9.18 -23.45 6.34
C ASP A 282 7.72 -23.15 6.71
N PHE A 283 6.81 -23.01 5.74
CA PHE A 283 5.42 -22.57 6.07
C PHE A 283 4.39 -23.48 5.42
N ASP A 284 3.21 -23.56 6.05
CA ASP A 284 2.00 -24.27 5.55
C ASP A 284 0.84 -23.26 5.54
N TYR A 285 0.38 -22.88 4.34
CA TYR A 285 -0.67 -21.84 4.11
C TYR A 285 -2.05 -22.50 4.08
N GLY A 286 -2.13 -23.83 4.22
CA GLY A 286 -3.36 -24.64 4.00
C GLY A 286 -3.97 -24.42 2.61
N ASP A 287 -5.30 -24.25 2.53
CA ASP A 287 -6.03 -23.97 1.26
C ASP A 287 -6.01 -22.47 0.89
N GLY A 288 -5.25 -21.61 1.59
CA GLY A 288 -5.25 -20.13 1.45
C GLY A 288 -6.23 -19.43 2.40
N THR A 289 -7.18 -20.16 2.95
CA THR A 289 -8.11 -19.66 3.99
C THR A 289 -7.26 -19.26 5.20
N ILE A 290 -7.68 -18.17 5.85
CA ILE A 290 -7.08 -17.67 7.11
C ILE A 290 -8.21 -17.58 8.14
N ASP A 291 -8.06 -18.30 9.25
CA ASP A 291 -9.07 -18.31 10.33
C ASP A 291 -9.11 -16.93 10.99
N ASP A 292 -10.31 -16.47 11.29
CA ASP A 292 -10.61 -15.20 12.00
C ASP A 292 -9.81 -15.14 13.32
N ASP A 293 -9.92 -16.16 14.19
CA ASP A 293 -9.32 -16.17 15.55
C ASP A 293 -7.81 -15.95 15.44
N LEU A 294 -7.22 -16.51 14.39
CA LEU A 294 -5.74 -16.59 14.23
C LEU A 294 -5.22 -15.19 13.86
N ILE A 295 -5.77 -14.62 12.82
CA ILE A 295 -5.36 -13.27 12.36
C ILE A 295 -5.67 -12.23 13.44
N ALA A 296 -6.75 -12.37 14.22
CA ALA A 296 -7.14 -11.42 15.30
C ALA A 296 -6.15 -11.52 16.46
N LYS A 297 -5.77 -12.73 16.85
CA LYS A 297 -4.85 -12.98 18.00
C LYS A 297 -3.41 -12.55 17.68
N TYR A 298 -2.86 -12.95 16.54
CA TYR A 298 -1.41 -12.85 16.24
C TYR A 298 -1.08 -11.69 15.30
N GLY A 299 -2.08 -11.12 14.63
CA GLY A 299 -1.94 -10.06 13.62
C GLY A 299 -2.58 -8.77 14.06
N ALA A 300 -2.79 -7.85 13.12
CA ALA A 300 -3.09 -6.42 13.40
C ALA A 300 -4.57 -6.12 13.16
N THR A 301 -5.24 -5.48 14.12
CA THR A 301 -6.69 -5.13 14.05
C THR A 301 -6.89 -3.61 13.88
N ASN A 302 -8.01 -3.23 13.29
CA ASN A 302 -8.46 -1.82 13.10
C ASN A 302 -7.33 -1.00 12.48
N VAL A 303 -6.69 -1.51 11.43
CA VAL A 303 -5.67 -0.73 10.65
C VAL A 303 -6.46 0.07 9.62
N LEU A 304 -6.29 1.39 9.62
CA LEU A 304 -7.01 2.30 8.70
C LEU A 304 -5.94 3.16 8.01
N ILE A 305 -5.85 3.04 6.68
CA ILE A 305 -4.93 3.83 5.81
C ILE A 305 -5.76 4.60 4.79
N GLU A 306 -5.84 5.92 4.93
CA GLU A 306 -6.78 6.74 4.13
C GLU A 306 -6.17 8.10 3.78
N ASN A 307 -6.43 8.60 2.57
CA ASN A 307 -6.26 10.03 2.18
C ASN A 307 -4.77 10.38 2.11
N ASN A 308 -3.95 9.36 1.88
CA ASN A 308 -2.48 9.43 1.71
C ASN A 308 -2.15 9.53 0.22
N THR A 309 -0.91 9.94 -0.09
CA THR A 309 -0.35 10.10 -1.45
C THR A 309 1.08 9.51 -1.44
N ILE A 310 1.33 8.56 -2.34
CA ILE A 310 2.61 7.81 -2.48
C ILE A 310 3.15 8.10 -3.87
N ILE A 311 4.29 8.78 -3.94
CA ILE A 311 4.89 9.20 -5.24
C ILE A 311 6.34 8.73 -5.26
N GLY A 312 6.73 7.94 -6.25
CA GLY A 312 8.12 7.52 -6.44
C GLY A 312 8.66 6.79 -5.21
N ALA A 313 7.89 5.86 -4.63
CA ALA A 313 8.47 4.77 -3.81
C ALA A 313 9.36 3.92 -4.73
N GLY A 314 10.53 3.50 -4.22
CA GLY A 314 11.45 2.52 -4.86
C GLY A 314 10.70 1.25 -5.25
N GLY A 315 9.84 0.77 -4.36
CA GLY A 315 9.00 -0.42 -4.60
C GLY A 315 7.51 -0.11 -4.55
N ASP A 316 6.83 -0.84 -3.68
CA ASP A 316 5.36 -0.87 -3.57
C ASP A 316 4.90 0.40 -2.85
N ALA A 317 3.69 0.85 -3.16
CA ALA A 317 3.11 2.10 -2.60
C ALA A 317 2.64 1.83 -1.17
N ILE A 318 1.68 0.92 -1.01
CA ILE A 318 0.98 0.66 0.29
C ILE A 318 0.71 -0.83 0.39
N THR A 319 1.12 -1.49 1.47
CA THR A 319 0.90 -2.95 1.66
C THR A 319 0.54 -3.20 3.13
N THR A 320 -0.65 -3.76 3.37
CA THR A 320 -1.08 -4.30 4.67
C THR A 320 -0.64 -5.77 4.74
N MET A 321 -0.07 -6.16 5.86
CA MET A 321 0.59 -7.46 6.08
C MET A 321 0.05 -8.04 7.37
N TYR A 322 -0.44 -9.27 7.33
CA TYR A 322 -0.99 -9.97 8.53
C TYR A 322 -1.96 -9.06 9.28
N CYS A 323 -2.80 -8.32 8.55
CA CYS A 323 -3.87 -7.44 9.10
C CYS A 323 -5.23 -8.13 9.01
N ASP A 324 -6.04 -7.96 10.05
CA ASP A 324 -7.42 -8.44 10.12
C ASP A 324 -8.36 -7.32 9.66
N ARG A 325 -8.95 -7.47 8.47
CA ARG A 325 -10.04 -6.57 7.96
C ARG A 325 -9.56 -5.12 7.95
N PRO A 326 -8.33 -4.82 7.49
CA PRO A 326 -7.87 -3.44 7.38
C PRO A 326 -8.72 -2.70 6.35
N VAL A 327 -8.69 -1.36 6.39
CA VAL A 327 -9.46 -0.49 5.46
C VAL A 327 -8.48 0.50 4.87
N ILE A 328 -8.33 0.46 3.56
CA ILE A 328 -7.34 1.25 2.75
C ILE A 328 -8.12 2.06 1.70
N GLN A 329 -8.41 3.32 1.95
CA GLN A 329 -9.40 4.08 1.12
C GLN A 329 -8.91 5.48 0.78
N HIS A 330 -9.39 6.02 -0.34
CA HIS A 330 -9.17 7.44 -0.73
C HIS A 330 -7.67 7.79 -0.81
N ASN A 331 -6.81 6.81 -1.07
CA ASN A 331 -5.36 6.99 -1.22
C ASN A 331 -5.03 7.13 -2.69
N VAL A 332 -3.84 7.66 -3.01
CA VAL A 332 -3.33 7.84 -4.39
C VAL A 332 -1.89 7.28 -4.49
N GLY A 333 -1.68 6.32 -5.40
CA GLY A 333 -0.35 5.77 -5.73
C GLY A 333 0.08 6.33 -7.08
N ASP A 334 1.27 6.90 -7.14
CA ASP A 334 1.74 7.63 -8.34
C ASP A 334 3.19 7.22 -8.64
N ARG A 335 3.39 6.52 -9.76
CA ARG A 335 4.73 6.23 -10.36
C ARG A 335 5.63 5.56 -9.31
N VAL A 336 5.18 4.44 -8.75
CA VAL A 336 5.98 3.63 -7.77
C VAL A 336 6.78 2.59 -8.59
N SER A 337 7.54 1.71 -7.93
CA SER A 337 8.43 0.69 -8.55
C SER A 337 9.56 1.39 -9.33
N LYS A 338 10.06 2.51 -8.81
CA LYS A 338 11.05 3.33 -9.54
C LYS A 338 12.37 2.58 -9.62
N HIS A 339 12.65 1.81 -8.59
CA HIS A 339 13.96 1.13 -8.40
C HIS A 339 13.84 -0.38 -8.64
N ILE A 340 12.66 -0.86 -9.04
CA ILE A 340 12.41 -2.30 -9.35
C ILE A 340 12.66 -2.45 -10.84
N ASN A 341 13.94 -2.46 -11.21
CA ASN A 341 14.34 -2.56 -12.64
C ASN A 341 15.75 -3.16 -12.72
N SER A 342 16.17 -3.58 -13.92
CA SER A 342 17.43 -4.34 -14.21
C SER A 342 18.68 -3.48 -14.04
N VAL A 343 18.56 -2.17 -14.22
CA VAL A 343 19.65 -1.17 -14.08
C VAL A 343 19.87 -0.80 -12.60
N ASP A 344 18.81 -0.67 -11.79
CA ASP A 344 18.91 -0.20 -10.37
C ASP A 344 19.06 -1.39 -9.39
N TYR A 345 18.34 -2.49 -9.64
CA TYR A 345 18.17 -3.64 -8.74
C TYR A 345 19.16 -4.73 -9.19
N THR A 346 20.45 -4.45 -9.01
CA THR A 346 21.54 -5.22 -9.67
C THR A 346 22.20 -6.21 -8.72
N ALA A 347 22.25 -5.91 -7.43
CA ALA A 347 23.05 -6.67 -6.43
C ALA A 347 22.34 -7.96 -6.08
N ASN A 348 23.11 -8.85 -5.46
CA ASN A 348 22.64 -10.15 -4.92
C ASN A 348 22.11 -9.88 -3.51
N VAL A 349 20.80 -10.01 -3.36
CA VAL A 349 20.05 -9.54 -2.17
C VAL A 349 20.52 -10.37 -0.96
N LEU A 350 20.60 -9.72 0.20
CA LEU A 350 20.98 -10.39 1.47
C LEU A 350 19.80 -11.22 2.00
N ASN A 351 20.12 -12.31 2.68
CA ASN A 351 19.26 -12.89 3.75
C ASN A 351 20.13 -12.78 5.01
N ASN A 352 19.76 -13.40 6.12
CA ASN A 352 20.52 -13.28 7.39
C ASN A 352 21.80 -14.12 7.34
N THR A 353 21.96 -14.99 6.33
CA THR A 353 22.95 -16.10 6.32
C THR A 353 23.91 -15.96 5.13
N GLY A 354 23.51 -15.28 4.06
CA GLY A 354 24.23 -15.23 2.78
C GLY A 354 23.43 -14.49 1.75
N ASN A 355 22.97 -15.17 0.70
CA ASN A 355 22.28 -14.50 -0.41
C ASN A 355 20.92 -15.15 -0.65
N ALA A 356 19.93 -14.33 -0.99
CA ALA A 356 18.61 -14.76 -1.50
C ALA A 356 18.66 -14.77 -3.04
N GLY A 357 19.58 -14.02 -3.66
CA GLY A 357 19.85 -14.15 -5.10
C GLY A 357 19.77 -12.83 -5.85
N VAL A 358 20.34 -12.80 -7.05
CA VAL A 358 20.14 -11.64 -7.98
C VAL A 358 18.69 -11.69 -8.45
N GLY A 359 18.06 -10.51 -8.58
CA GLY A 359 16.65 -10.33 -8.97
C GLY A 359 15.66 -10.78 -7.90
N TYR A 360 16.09 -11.13 -6.69
CA TYR A 360 15.20 -11.64 -5.62
C TYR A 360 14.38 -10.46 -5.09
N GLY A 361 13.06 -10.52 -5.27
CA GLY A 361 12.14 -9.44 -4.88
C GLY A 361 12.09 -8.31 -5.89
N ARG A 362 12.57 -8.52 -7.12
CA ARG A 362 12.49 -7.51 -8.19
C ARG A 362 11.05 -7.46 -8.74
N VAL A 363 10.10 -7.21 -7.86
CA VAL A 363 8.65 -7.21 -8.19
C VAL A 363 8.01 -6.20 -7.25
N ALA A 364 7.05 -5.41 -7.72
CA ALA A 364 6.20 -4.53 -6.87
C ALA A 364 4.90 -4.18 -7.61
N ALA A 365 3.79 -4.20 -6.85
CA ALA A 365 2.44 -3.75 -7.23
C ALA A 365 2.13 -2.47 -6.45
N GLY A 366 0.97 -1.86 -6.72
CA GLY A 366 0.65 -0.55 -6.14
C GLY A 366 0.25 -0.65 -4.67
N ILE A 367 -1.03 -0.89 -4.44
CA ILE A 367 -1.71 -0.84 -3.13
C ILE A 367 -2.37 -2.21 -2.92
N TRP A 368 -1.94 -2.99 -1.93
CA TRP A 368 -2.34 -4.42 -1.88
C TRP A 368 -2.09 -5.07 -0.52
N PRO A 369 -2.69 -6.25 -0.26
CA PRO A 369 -2.48 -6.98 0.99
C PRO A 369 -1.58 -8.23 0.92
N TRP A 370 -0.76 -8.45 1.94
CA TRP A 370 -0.04 -9.72 2.17
C TRP A 370 -0.67 -10.46 3.35
N ARG A 371 -1.21 -11.66 3.11
CA ARG A 371 -1.71 -12.57 4.16
C ARG A 371 -2.63 -11.81 5.11
N CYS A 372 -3.52 -11.00 4.57
CA CYS A 372 -4.61 -10.32 5.31
C CYS A 372 -5.92 -11.14 5.18
N LYS A 373 -6.88 -10.85 6.04
CA LYS A 373 -8.23 -11.45 6.02
C LYS A 373 -9.27 -10.36 5.72
N ASP A 374 -9.92 -10.44 4.56
CA ASP A 374 -11.05 -9.55 4.17
C ASP A 374 -10.61 -8.10 4.26
N PRO A 375 -9.43 -7.73 3.72
CA PRO A 375 -9.04 -6.33 3.64
C PRO A 375 -9.97 -5.63 2.63
N VAL A 376 -10.25 -4.33 2.84
CA VAL A 376 -11.11 -3.50 1.95
C VAL A 376 -10.26 -2.37 1.33
N PHE A 377 -10.08 -2.44 0.00
CA PHE A 377 -9.38 -1.42 -0.83
C PHE A 377 -10.44 -0.72 -1.67
N GLN A 378 -10.83 0.50 -1.30
CA GLN A 378 -11.94 1.27 -1.96
C GLN A 378 -11.57 2.74 -2.16
N TYR A 379 -12.05 3.35 -3.25
CA TYR A 379 -11.89 4.79 -3.55
C TYR A 379 -10.40 5.19 -3.67
N ASN A 380 -9.53 4.31 -4.15
CA ASN A 380 -8.09 4.56 -4.36
C ASN A 380 -7.88 4.81 -5.85
N GLU A 381 -6.86 5.62 -6.20
CA GLU A 381 -6.38 5.80 -7.59
C GLU A 381 -4.94 5.31 -7.64
N VAL A 382 -4.52 4.59 -8.69
CA VAL A 382 -3.10 4.27 -8.91
C VAL A 382 -2.74 4.59 -10.37
N TYR A 383 -1.71 5.42 -10.57
CA TYR A 383 -1.22 5.90 -11.89
C TYR A 383 0.19 5.33 -12.14
N SER A 384 0.35 4.63 -13.26
CA SER A 384 1.65 4.37 -13.94
C SER A 384 2.65 3.69 -13.02
N ASN A 385 2.27 2.66 -12.28
CA ASN A 385 3.26 1.76 -11.64
C ASN A 385 4.33 1.40 -12.69
N LEU A 386 5.62 1.48 -12.32
CA LEU A 386 6.75 1.58 -13.30
C LEU A 386 7.40 0.22 -13.53
N ASN A 387 7.99 0.08 -14.72
CA ASN A 387 9.19 -0.75 -15.02
C ASN A 387 8.85 -2.22 -15.34
N ALA A 388 7.61 -2.58 -15.64
CA ALA A 388 7.27 -3.97 -16.09
C ALA A 388 8.09 -4.37 -17.33
N ASP A 389 8.45 -3.43 -18.21
CA ASP A 389 9.21 -3.72 -19.45
C ASP A 389 10.71 -3.59 -19.19
N HIS A 390 11.12 -3.26 -17.97
CA HIS A 390 12.55 -3.09 -17.58
C HIS A 390 12.89 -3.88 -16.31
N GLY A 391 12.30 -5.06 -16.06
CA GLY A 391 12.75 -5.97 -14.97
C GLY A 391 11.77 -6.05 -13.79
N ASN A 392 10.72 -5.23 -13.76
CA ASN A 392 9.68 -5.38 -12.70
C ASN A 392 8.78 -6.56 -13.10
N GLY A 393 8.82 -7.66 -12.36
CA GLY A 393 7.99 -8.85 -12.66
C GLY A 393 6.51 -8.71 -12.31
N ASP A 394 6.08 -7.59 -11.70
CA ASP A 394 4.65 -7.28 -11.49
C ASP A 394 4.28 -6.03 -12.29
N GLY A 395 4.04 -4.89 -11.63
CA GLY A 395 3.72 -3.59 -12.26
C GLY A 395 2.23 -3.31 -12.32
N GLN A 396 1.43 -4.10 -11.57
CA GLN A 396 -0.04 -3.91 -11.44
C GLN A 396 -0.32 -2.78 -10.46
N ALA A 397 -1.51 -2.19 -10.55
CA ALA A 397 -2.10 -1.25 -9.56
C ALA A 397 -2.51 -2.00 -8.30
N TRP A 398 -3.15 -3.17 -8.50
CA TRP A 398 -3.82 -3.97 -7.46
C TRP A 398 -3.25 -5.37 -7.46
N ASP A 399 -3.08 -5.97 -6.29
CA ASP A 399 -2.52 -7.33 -6.16
C ASP A 399 -3.21 -8.05 -5.03
N ALA A 400 -4.30 -8.78 -5.32
CA ALA A 400 -4.91 -9.72 -4.37
C ALA A 400 -3.91 -10.86 -4.25
N ASP A 401 -2.97 -10.70 -3.33
CA ASP A 401 -1.81 -11.62 -3.17
C ASP A 401 -2.22 -12.74 -2.22
N TYR A 402 -1.27 -13.54 -1.76
CA TYR A 402 -1.48 -14.58 -0.73
C TYR A 402 -2.34 -13.95 0.35
N GLY A 403 -3.49 -14.56 0.63
CA GLY A 403 -4.50 -14.02 1.56
C GLY A 403 -5.88 -14.48 1.19
N ASP A 404 -6.87 -14.07 1.97
CA ASP A 404 -8.26 -14.58 1.89
C ASP A 404 -9.22 -13.39 2.00
N GLY A 405 -10.03 -13.16 0.96
CA GLY A 405 -11.20 -12.28 1.02
C GLY A 405 -10.89 -10.83 0.67
N THR A 406 -9.86 -10.58 -0.12
CA THR A 406 -9.54 -9.22 -0.57
C THR A 406 -10.72 -8.63 -1.37
N LEU A 407 -11.16 -7.44 -0.99
CA LEU A 407 -12.23 -6.69 -1.72
C LEU A 407 -11.59 -5.46 -2.33
N TYR A 408 -11.58 -5.39 -3.65
CA TYR A 408 -11.22 -4.16 -4.40
C TYR A 408 -12.50 -3.61 -5.03
N GLN A 409 -12.95 -2.45 -4.56
CA GLN A 409 -14.16 -1.80 -5.14
C GLN A 409 -13.95 -0.29 -5.26
N TYR A 410 -14.56 0.29 -6.29
CA TYR A 410 -14.70 1.76 -6.49
C TYR A 410 -13.29 2.37 -6.71
N ASN A 411 -12.35 1.63 -7.30
CA ASN A 411 -10.95 2.12 -7.54
C ASN A 411 -10.75 2.48 -9.02
N TYR A 412 -9.83 3.42 -9.29
CA TYR A 412 -9.40 3.88 -10.64
C TYR A 412 -7.93 3.49 -10.81
N SER A 413 -7.62 2.71 -11.84
CA SER A 413 -6.22 2.48 -12.27
C SER A 413 -6.03 3.11 -13.65
N TYR A 414 -4.94 3.86 -13.82
CA TYR A 414 -4.48 4.38 -15.15
C TYR A 414 -3.03 4.00 -15.44
N GLY A 415 -2.79 3.46 -16.63
CA GLY A 415 -1.48 3.52 -17.29
C GLY A 415 -0.43 2.68 -16.58
N ASN A 416 -0.83 1.63 -15.87
CA ASN A 416 0.13 0.77 -15.12
C ASN A 416 0.86 -0.14 -16.11
N SER A 417 2.17 -0.32 -15.91
CA SER A 417 3.13 -1.05 -16.81
C SER A 417 2.60 -2.44 -17.16
N PHE A 418 1.91 -3.10 -16.23
CA PHE A 418 1.43 -4.50 -16.39
C PHE A 418 0.13 -4.64 -15.62
N ALA A 419 -1.00 -4.42 -16.29
CA ALA A 419 -2.35 -4.85 -15.88
C ALA A 419 -2.88 -4.00 -14.71
N SER A 420 -4.19 -4.14 -14.43
CA SER A 420 -4.88 -3.46 -13.31
C SER A 420 -4.74 -4.33 -12.07
N LEU A 421 -5.28 -5.54 -12.13
CA LEU A 421 -5.32 -6.48 -10.98
C LEU A 421 -4.45 -7.72 -11.23
N MET A 422 -3.62 -8.07 -10.26
CA MET A 422 -3.07 -9.45 -10.16
C MET A 422 -3.83 -10.18 -9.07
N ILE A 423 -4.04 -11.48 -9.27
CA ILE A 423 -4.37 -12.43 -8.15
C ILE A 423 -3.23 -13.46 -8.13
N CYS A 424 -2.36 -13.41 -7.11
CA CYS A 424 -0.99 -14.01 -7.16
C CYS A 424 -0.93 -15.43 -6.57
N ASN A 425 -0.93 -16.42 -7.45
CA ASN A 425 -0.51 -17.82 -7.18
C ASN A 425 -1.49 -18.52 -6.23
N TRP A 426 -1.15 -19.75 -5.85
CA TRP A 426 -2.02 -20.84 -5.36
C TRP A 426 -2.83 -20.38 -4.13
N LYS A 427 -2.24 -19.58 -3.23
CA LYS A 427 -2.84 -19.26 -1.92
C LYS A 427 -3.49 -17.87 -1.92
N ALA A 428 -3.74 -17.29 -3.10
CA ALA A 428 -4.58 -16.09 -3.27
C ALA A 428 -5.99 -16.58 -3.56
N VAL A 429 -6.88 -16.42 -2.58
CA VAL A 429 -8.27 -16.97 -2.62
C VAL A 429 -9.29 -15.89 -2.25
N ASN A 430 -10.52 -16.04 -2.78
CA ASN A 430 -11.79 -15.41 -2.32
C ASN A 430 -11.64 -13.90 -2.50
N THR A 431 -11.33 -13.50 -3.73
CA THR A 431 -11.16 -12.07 -4.12
C THR A 431 -12.46 -11.58 -4.78
N THR A 432 -12.94 -10.42 -4.34
CA THR A 432 -13.93 -9.60 -5.06
C THR A 432 -13.22 -8.37 -5.65
N PHE A 433 -13.33 -8.24 -6.97
CA PHE A 433 -12.96 -7.04 -7.74
C PHE A 433 -14.21 -6.49 -8.44
N ARG A 434 -14.81 -5.43 -7.88
CA ARG A 434 -16.05 -4.85 -8.45
C ARG A 434 -16.05 -3.32 -8.44
N TYR A 435 -16.83 -2.74 -9.34
CA TYR A 435 -17.13 -1.28 -9.50
C TYR A 435 -15.84 -0.45 -9.57
N ASN A 436 -14.88 -0.98 -10.30
CA ASN A 436 -13.54 -0.39 -10.56
C ASN A 436 -13.51 0.01 -12.05
N ILE A 437 -12.80 1.11 -12.35
CA ILE A 437 -12.46 1.57 -13.73
C ILE A 437 -10.96 1.36 -13.94
N SER A 438 -10.62 0.62 -15.01
CA SER A 438 -9.26 0.41 -15.55
C SER A 438 -9.19 1.15 -16.88
N GLN A 439 -8.23 2.06 -17.05
CA GLN A 439 -8.04 2.85 -18.30
C GLN A 439 -6.55 2.86 -18.67
N ASN A 440 -6.22 2.27 -19.82
CA ASN A 440 -4.88 2.34 -20.45
C ASN A 440 -3.90 1.51 -19.61
N ASP A 441 -4.38 0.48 -18.91
CA ASP A 441 -3.50 -0.44 -18.15
C ASP A 441 -2.89 -1.37 -19.20
N LYS A 442 -1.56 -1.54 -19.17
CA LYS A 442 -0.75 -2.06 -20.29
C LYS A 442 -0.51 -3.57 -20.16
N ARG A 443 -0.43 -4.27 -21.30
CA ARG A 443 0.02 -5.69 -21.38
C ARG A 443 -0.97 -6.64 -20.68
N GLY A 444 -2.25 -6.23 -20.59
CA GLY A 444 -3.31 -6.97 -19.84
C GLY A 444 -4.11 -6.04 -18.94
N VAL A 445 -5.28 -6.49 -18.48
CA VAL A 445 -6.05 -5.80 -17.39
C VAL A 445 -6.13 -6.74 -16.16
N PHE A 446 -6.52 -7.99 -16.39
CA PHE A 446 -6.58 -9.03 -15.34
C PHE A 446 -5.37 -9.95 -15.46
N ASP A 447 -4.68 -10.17 -14.34
CA ASP A 447 -3.44 -10.97 -14.24
C ASP A 447 -3.75 -12.14 -13.30
N LEU A 448 -3.92 -13.34 -13.88
CA LEU A 448 -4.42 -14.56 -13.19
C LEU A 448 -3.34 -15.64 -13.20
N PRO A 449 -2.12 -15.37 -12.66
CA PRO A 449 -1.06 -16.37 -12.58
C PRO A 449 -1.21 -17.43 -11.47
N SER A 450 -1.78 -18.57 -11.85
CA SER A 450 -1.90 -19.77 -10.98
C SER A 450 -2.69 -19.46 -9.69
N ASN A 451 -3.66 -18.56 -9.74
CA ASN A 451 -4.31 -18.09 -8.49
C ASN A 451 -5.20 -19.21 -7.96
N GLY A 452 -5.51 -19.13 -6.66
CA GLY A 452 -6.52 -19.98 -6.00
C GLY A 452 -7.91 -19.64 -6.51
N PRO A 453 -8.96 -20.40 -6.09
CA PRO A 453 -10.34 -20.12 -6.48
C PRO A 453 -11.05 -19.09 -5.60
N GLY A 454 -12.35 -18.89 -5.91
CA GLY A 454 -13.32 -18.06 -5.17
C GLY A 454 -13.32 -16.62 -5.65
N ASN A 455 -12.72 -16.33 -6.80
CA ASN A 455 -12.50 -14.95 -7.28
C ASN A 455 -13.67 -14.50 -8.14
N HIS A 456 -14.26 -13.38 -7.79
CA HIS A 456 -15.46 -12.80 -8.42
C HIS A 456 -15.12 -11.40 -8.99
N ILE A 457 -15.29 -11.19 -10.28
CA ILE A 457 -14.84 -9.95 -10.97
C ILE A 457 -16.02 -9.38 -11.74
N TYR A 458 -16.66 -8.35 -11.20
CA TYR A 458 -17.97 -7.89 -11.71
C TYR A 458 -18.15 -6.38 -11.61
N ASN A 459 -18.98 -5.88 -12.54
CA ASN A 459 -19.43 -4.46 -12.60
C ASN A 459 -18.20 -3.56 -12.63
N ASN A 460 -17.21 -3.97 -13.40
CA ASN A 460 -16.01 -3.16 -13.71
C ASN A 460 -16.20 -2.63 -15.12
N THR A 461 -15.64 -1.46 -15.42
CA THR A 461 -15.52 -0.91 -16.78
C THR A 461 -14.04 -0.89 -17.13
N VAL A 462 -13.65 -1.53 -18.22
CA VAL A 462 -12.20 -1.67 -18.54
C VAL A 462 -11.97 -1.22 -19.98
N TYR A 463 -11.15 -0.16 -20.13
CA TYR A 463 -10.83 0.50 -21.42
C TYR A 463 -9.48 -0.03 -21.92
N VAL A 464 -9.51 -0.89 -22.93
CA VAL A 464 -8.32 -1.68 -23.36
C VAL A 464 -7.73 -1.10 -24.65
N ASP A 465 -6.63 -0.34 -24.53
CA ASP A 465 -5.89 0.28 -25.66
C ASP A 465 -5.06 -0.79 -26.37
N ALA A 466 -4.37 -0.37 -27.44
CA ALA A 466 -3.64 -1.24 -28.39
C ALA A 466 -2.37 -1.79 -27.73
N ASP A 467 -1.95 -1.26 -26.58
CA ASP A 467 -0.73 -1.77 -25.88
C ASP A 467 -1.13 -2.75 -24.76
N SER A 468 -2.36 -3.24 -24.77
CA SER A 468 -2.92 -4.08 -23.69
C SER A 468 -3.86 -5.09 -24.31
N ARG A 469 -4.68 -5.72 -23.47
CA ARG A 469 -5.53 -6.88 -23.80
C ARG A 469 -6.28 -7.22 -22.51
N VAL A 470 -7.28 -8.07 -22.59
CA VAL A 470 -8.16 -8.35 -21.42
C VAL A 470 -7.37 -9.14 -20.37
N LEU A 471 -6.76 -10.29 -20.75
CA LEU A 471 -5.95 -11.14 -19.85
C LEU A 471 -4.46 -10.93 -20.16
N THR A 472 -3.59 -10.90 -19.15
CA THR A 472 -2.12 -11.10 -19.33
C THR A 472 -1.93 -12.46 -20.02
N THR A 473 -0.95 -12.56 -20.90
CA THR A 473 -0.68 -13.80 -21.69
C THR A 473 -0.35 -14.98 -20.74
N ARG A 474 0.11 -14.67 -19.50
CA ARG A 474 0.52 -15.65 -18.45
C ARG A 474 -0.65 -16.05 -17.57
N SER A 475 -1.82 -15.46 -17.80
CA SER A 475 -3.08 -15.82 -17.10
C SER A 475 -3.46 -17.28 -17.41
N ASN A 476 -3.95 -18.01 -16.41
CA ASN A 476 -4.22 -19.46 -16.55
C ASN A 476 -5.23 -19.98 -15.53
N SER A 477 -5.81 -19.15 -14.66
CA SER A 477 -6.60 -19.65 -13.51
C SER A 477 -7.99 -18.98 -13.38
N GLN A 478 -8.60 -19.16 -12.21
CA GLN A 478 -10.07 -18.99 -12.00
C GLN A 478 -10.42 -17.51 -11.90
N ALA A 479 -11.55 -17.15 -12.48
CA ALA A 479 -12.22 -15.85 -12.33
C ALA A 479 -13.67 -16.01 -12.78
N GLN A 480 -14.63 -15.57 -11.99
CA GLN A 480 -16.04 -15.50 -12.44
C GLN A 480 -16.27 -14.05 -12.91
N PHE A 481 -16.41 -13.81 -14.22
CA PHE A 481 -16.54 -12.45 -14.82
C PHE A 481 -18.02 -12.18 -15.16
N GLU A 482 -18.65 -11.25 -14.44
CA GLU A 482 -20.08 -10.87 -14.62
C GLU A 482 -20.24 -9.35 -14.70
N ASN A 483 -21.13 -8.88 -15.59
CA ASN A 483 -21.67 -7.49 -15.62
C ASN A 483 -20.55 -6.51 -15.91
N ASN A 484 -19.45 -6.97 -16.51
CA ASN A 484 -18.30 -6.10 -16.83
C ASN A 484 -18.66 -5.37 -18.13
N ILE A 485 -18.08 -4.21 -18.39
CA ILE A 485 -17.97 -3.64 -19.74
C ILE A 485 -16.51 -3.77 -20.13
N PHE A 486 -16.23 -4.58 -21.17
CA PHE A 486 -14.93 -4.73 -21.87
C PHE A 486 -14.95 -3.83 -23.10
N ILE A 487 -14.05 -2.85 -23.16
CA ILE A 487 -13.99 -1.93 -24.32
C ILE A 487 -12.68 -2.15 -25.11
N ASN A 488 -12.82 -2.66 -26.33
CA ASN A 488 -11.70 -2.73 -27.31
C ASN A 488 -11.49 -1.31 -27.88
N ALA A 489 -10.58 -0.55 -27.26
CA ALA A 489 -10.26 0.83 -27.65
C ALA A 489 -9.20 0.84 -28.76
N THR A 490 -9.46 0.16 -29.89
CA THR A 490 -8.61 0.21 -31.11
C THR A 490 -9.52 0.49 -32.32
N ASP A 491 -8.90 0.79 -33.47
CA ASP A 491 -9.54 1.23 -34.75
C ASP A 491 -10.22 0.07 -35.53
N GLU A 492 -10.00 -1.21 -35.22
CA GLU A 492 -10.73 -2.36 -35.81
C GLU A 492 -11.34 -3.25 -34.70
N LYS A 493 -12.20 -4.20 -35.08
CA LYS A 493 -12.85 -5.16 -34.14
C LYS A 493 -11.85 -6.29 -33.83
N LYS A 494 -11.46 -6.41 -32.57
CA LYS A 494 -10.42 -7.38 -32.15
C LYS A 494 -11.11 -8.73 -31.86
N THR A 495 -10.47 -9.82 -32.31
CA THR A 495 -10.72 -11.21 -31.85
C THR A 495 -9.85 -11.37 -30.58
N GLU A 496 -10.45 -11.28 -29.39
CA GLU A 496 -9.73 -11.35 -28.08
C GLU A 496 -9.55 -12.81 -27.66
N GLU A 497 -8.41 -13.15 -27.05
CA GLU A 497 -8.27 -14.45 -26.34
C GLU A 497 -8.98 -14.31 -24.98
N TRP A 498 -10.26 -14.66 -24.93
CA TRP A 498 -11.11 -14.58 -23.71
C TRP A 498 -10.69 -15.61 -22.66
N ASN A 499 -9.99 -16.66 -23.05
CA ASN A 499 -9.76 -17.84 -22.18
C ASN A 499 -8.31 -18.29 -22.39
N ILE A 500 -7.52 -18.34 -21.32
CA ILE A 500 -6.20 -19.03 -21.28
C ILE A 500 -6.21 -19.92 -20.04
N GLY A 501 -5.88 -21.21 -20.19
CA GLY A 501 -5.71 -22.16 -19.06
C GLY A 501 -7.00 -22.61 -18.41
N GLY A 502 -6.88 -23.43 -17.37
CA GLY A 502 -8.00 -24.22 -16.80
C GLY A 502 -7.89 -24.48 -15.31
N TYR A 503 -6.86 -23.97 -14.62
CA TYR A 503 -6.78 -24.07 -13.14
C TYR A 503 -8.13 -23.61 -12.55
N TYR A 504 -8.71 -24.50 -11.72
CA TYR A 504 -9.99 -24.34 -11.01
C TYR A 504 -11.09 -23.89 -11.98
N GLY A 505 -11.10 -24.42 -13.21
CA GLY A 505 -12.18 -24.18 -14.20
C GLY A 505 -11.86 -23.06 -15.17
N GLY A 506 -10.75 -22.34 -14.93
CA GLY A 506 -10.32 -21.19 -15.72
C GLY A 506 -11.30 -20.03 -15.64
N GLN A 507 -11.33 -19.20 -16.69
CA GLN A 507 -12.14 -17.97 -16.74
C GLN A 507 -13.56 -18.35 -17.17
N VAL A 508 -14.55 -18.07 -16.32
CA VAL A 508 -15.98 -18.20 -16.66
C VAL A 508 -16.59 -16.80 -16.77
N TYR A 509 -17.32 -16.58 -17.85
CA TYR A 509 -17.97 -15.29 -18.18
C TYR A 509 -19.49 -15.46 -18.29
N ASP A 510 -20.24 -14.47 -17.77
CA ASP A 510 -21.73 -14.46 -17.85
C ASP A 510 -22.26 -13.03 -17.77
N ASN A 511 -22.96 -12.60 -18.82
CA ASN A 511 -23.78 -11.37 -18.81
C ASN A 511 -22.83 -10.16 -18.71
N ASN A 512 -21.80 -10.11 -19.56
CA ASN A 512 -20.91 -8.94 -19.69
C ASN A 512 -21.24 -8.21 -21.01
N LEU A 513 -20.74 -6.99 -21.11
CA LEU A 513 -20.84 -6.13 -22.32
C LEU A 513 -19.49 -6.15 -23.03
N TYR A 514 -19.50 -6.53 -24.30
CA TYR A 514 -18.33 -6.64 -25.21
C TYR A 514 -18.49 -5.52 -26.26
N VAL A 515 -17.70 -4.46 -26.13
CA VAL A 515 -17.71 -3.30 -27.06
C VAL A 515 -16.58 -3.40 -28.09
N ASN A 516 -16.97 -3.38 -29.37
CA ASN A 516 -16.07 -3.28 -30.54
C ASN A 516 -15.16 -4.52 -30.62
N TYR A 517 -15.61 -5.68 -30.15
CA TYR A 517 -14.88 -6.95 -30.36
C TYR A 517 -15.50 -7.68 -31.55
N ALA A 518 -14.78 -8.66 -32.11
CA ALA A 518 -15.24 -9.51 -33.23
C ALA A 518 -15.79 -10.84 -32.72
N ASN A 519 -15.65 -11.12 -31.42
CA ASN A 519 -15.99 -12.42 -30.79
C ASN A 519 -16.40 -12.17 -29.33
N THR A 520 -17.06 -13.14 -28.71
CA THR A 520 -17.40 -13.16 -27.27
C THR A 520 -16.78 -14.42 -26.67
N PRO A 521 -16.61 -14.50 -25.34
CA PRO A 521 -16.19 -15.75 -24.70
C PRO A 521 -17.19 -16.89 -24.90
N ALA A 522 -16.70 -18.11 -25.14
CA ALA A 522 -17.52 -19.31 -25.38
C ALA A 522 -18.53 -19.54 -24.25
N SER A 523 -18.16 -19.25 -23.01
CA SER A 523 -18.95 -19.57 -21.78
C SER A 523 -20.10 -18.58 -21.57
N ASP A 524 -20.13 -17.44 -22.31
CA ASP A 524 -21.10 -16.35 -22.01
C ASP A 524 -22.36 -16.56 -22.83
N ALA A 525 -23.33 -17.28 -22.27
CA ALA A 525 -24.63 -17.52 -22.91
C ALA A 525 -25.49 -16.25 -22.83
N ASN A 526 -25.06 -15.22 -22.10
CA ASN A 526 -25.89 -13.99 -21.93
C ASN A 526 -25.10 -12.72 -22.31
N ALA A 527 -24.30 -12.76 -23.38
CA ALA A 527 -23.42 -11.64 -23.82
C ALA A 527 -24.26 -10.49 -24.40
N ILE A 528 -23.97 -9.25 -24.01
CA ILE A 528 -24.47 -8.05 -24.73
C ILE A 528 -23.31 -7.56 -25.60
N VAL A 529 -23.57 -7.37 -26.88
CA VAL A 529 -22.59 -6.93 -27.90
C VAL A 529 -22.99 -5.52 -28.34
N ALA A 530 -22.02 -4.63 -28.47
CA ALA A 530 -22.18 -3.28 -29.06
C ALA A 530 -20.96 -3.01 -29.92
N ASP A 531 -21.15 -2.38 -31.07
CA ASP A 531 -20.09 -2.07 -32.04
C ASP A 531 -19.40 -0.76 -31.66
N ASP A 532 -20.11 0.18 -31.05
CA ASP A 532 -19.62 1.58 -30.92
C ASP A 532 -19.76 2.02 -29.45
N VAL A 533 -18.66 2.34 -28.77
CA VAL A 533 -18.64 2.65 -27.31
C VAL A 533 -19.46 3.93 -27.08
N ALA A 534 -19.57 4.80 -28.09
CA ALA A 534 -20.29 6.10 -28.01
C ALA A 534 -21.81 5.89 -27.90
N ASP A 535 -22.33 4.72 -28.29
CA ASP A 535 -23.74 4.32 -28.04
C ASP A 535 -23.92 3.76 -26.62
N VAL A 536 -22.82 3.49 -25.88
CA VAL A 536 -22.84 2.87 -24.52
C VAL A 536 -22.53 3.89 -23.42
N LEU A 537 -21.40 4.61 -23.53
CA LEU A 537 -20.83 5.48 -22.48
C LEU A 537 -20.64 6.89 -23.04
N GLU A 538 -20.79 7.92 -22.20
CA GLU A 538 -20.79 9.34 -22.62
C GLU A 538 -19.45 9.59 -23.28
N ASP A 539 -18.32 9.18 -22.69
CA ASP A 539 -16.96 9.47 -23.27
C ASP A 539 -15.91 8.54 -22.65
N ALA A 540 -15.86 7.30 -23.10
CA ALA A 540 -14.94 6.26 -22.60
C ALA A 540 -13.50 6.72 -22.82
N GLY A 541 -12.61 6.49 -21.85
CA GLY A 541 -11.15 6.68 -21.99
C GLY A 541 -10.72 8.08 -21.64
N SER A 542 -11.62 8.90 -21.08
CA SER A 542 -11.47 10.37 -20.95
C SER A 542 -11.11 10.76 -19.51
N ALA A 543 -10.97 9.80 -18.61
CA ALA A 543 -10.59 10.07 -17.22
C ALA A 543 -9.12 10.42 -17.21
N PRO A 544 -8.57 10.96 -16.10
CA PRO A 544 -7.18 11.40 -16.08
C PRO A 544 -6.07 10.33 -16.11
N THR A 545 -4.89 10.88 -16.32
CA THR A 545 -3.67 10.29 -16.91
C THR A 545 -2.54 10.43 -15.88
N ALA A 546 -2.79 11.22 -14.83
CA ALA A 546 -1.88 11.53 -13.72
C ALA A 546 -2.71 12.03 -12.53
N ALA A 547 -2.15 11.90 -11.33
CA ALA A 547 -2.71 12.37 -10.05
C ALA A 547 -2.91 13.88 -10.11
N GLN A 548 -3.96 14.37 -9.47
CA GLN A 548 -4.22 15.80 -9.22
C GLN A 548 -2.95 16.42 -8.62
N ALA A 549 -2.62 17.65 -9.03
CA ALA A 549 -1.48 18.47 -8.55
C ALA A 549 -1.32 18.35 -7.03
N SER A 550 -2.42 18.45 -6.30
CA SER A 550 -2.48 18.48 -4.80
C SER A 550 -2.06 17.12 -4.22
N GLY A 551 -2.15 16.04 -5.00
CA GLY A 551 -1.99 14.65 -4.51
C GLY A 551 -3.29 14.02 -4.04
N ALA A 552 -4.36 14.79 -3.90
CA ALA A 552 -5.66 14.25 -3.42
C ALA A 552 -6.29 13.46 -4.56
N GLU A 553 -7.10 12.49 -4.21
CA GLU A 553 -8.03 11.84 -5.16
C GLU A 553 -8.81 12.98 -5.81
N TYR A 554 -9.10 12.86 -7.10
CA TYR A 554 -10.08 13.73 -7.78
C TYR A 554 -11.44 13.58 -7.11
N SER A 555 -12.19 14.66 -7.03
CA SER A 555 -13.59 14.70 -6.52
C SER A 555 -14.51 13.80 -7.35
N ARG A 556 -15.44 13.12 -6.67
CA ARG A 556 -16.51 12.30 -7.27
C ARG A 556 -17.88 12.89 -6.93
N LYS A 557 -17.95 14.09 -6.39
CA LYS A 557 -19.24 14.79 -6.08
C LYS A 557 -19.49 15.82 -7.19
N GLY A 558 -20.70 16.39 -7.21
CA GLY A 558 -21.09 17.49 -8.11
C GLY A 558 -21.69 16.97 -9.41
N SER A 559 -22.18 17.89 -10.25
CA SER A 559 -22.74 17.59 -11.58
C SER A 559 -21.64 17.18 -12.56
N THR A 560 -20.41 17.62 -12.31
CA THR A 560 -19.27 17.46 -13.23
C THR A 560 -18.13 16.82 -12.44
N THR A 561 -17.59 15.71 -12.97
CA THR A 561 -16.35 15.03 -12.50
C THR A 561 -15.55 14.58 -13.72
N VAL A 562 -14.27 14.26 -13.48
CA VAL A 562 -13.28 13.81 -14.49
C VAL A 562 -13.63 12.39 -14.92
N PHE A 563 -14.52 11.70 -14.20
CA PHE A 563 -14.91 10.30 -14.47
C PHE A 563 -16.22 10.22 -15.27
N ASP A 564 -16.86 11.35 -15.56
CA ASP A 564 -18.23 11.43 -16.15
C ASP A 564 -18.32 10.69 -17.49
N GLY A 565 -17.21 10.47 -18.16
CA GLY A 565 -17.16 9.73 -19.44
C GLY A 565 -17.55 8.27 -19.27
N TYR A 566 -17.47 7.73 -18.05
CA TYR A 566 -17.81 6.32 -17.82
C TYR A 566 -19.31 6.21 -17.50
N LYS A 567 -20.03 7.34 -17.46
CA LYS A 567 -21.51 7.33 -17.25
C LYS A 567 -22.19 6.71 -18.47
N PRO A 568 -23.10 5.72 -18.29
CA PRO A 568 -23.84 5.18 -19.43
C PRO A 568 -24.65 6.31 -20.05
N THR A 569 -24.74 6.35 -21.38
CA THR A 569 -25.72 7.23 -22.07
C THR A 569 -27.13 6.81 -21.63
N THR A 570 -28.08 7.70 -21.81
CA THR A 570 -29.53 7.65 -21.44
C THR A 570 -30.22 6.37 -21.99
N ASN A 571 -29.98 5.96 -23.24
CA ASN A 571 -30.53 4.70 -23.81
C ASN A 571 -29.39 3.68 -24.00
N SER A 572 -28.34 3.71 -23.17
CA SER A 572 -27.22 2.74 -23.25
C SER A 572 -27.74 1.30 -23.11
N PRO A 573 -27.28 0.34 -23.90
CA PRO A 573 -27.52 -1.07 -23.61
C PRO A 573 -26.97 -1.58 -22.28
N ALA A 574 -26.12 -0.80 -21.61
CA ALA A 574 -25.66 -1.09 -20.22
C ALA A 574 -26.82 -1.00 -19.23
N ILE A 575 -27.81 -0.15 -19.49
CA ILE A 575 -28.82 0.29 -18.49
C ILE A 575 -29.70 -0.91 -18.10
N ASN A 576 -29.68 -1.27 -16.83
CA ASN A 576 -30.55 -2.30 -16.22
C ASN A 576 -30.21 -3.68 -16.81
N ALA A 577 -29.07 -3.83 -17.47
CA ALA A 577 -28.78 -5.04 -18.29
C ALA A 577 -27.92 -6.06 -17.53
N GLY A 578 -27.42 -5.71 -16.33
CA GLY A 578 -26.65 -6.68 -15.51
C GLY A 578 -27.55 -7.76 -14.92
N LYS A 579 -26.99 -8.93 -14.61
CA LYS A 579 -27.63 -9.92 -13.72
C LYS A 579 -27.50 -9.42 -12.28
N VAL A 580 -28.40 -9.83 -11.40
CA VAL A 580 -28.26 -9.52 -9.96
C VAL A 580 -27.17 -10.44 -9.40
N VAL A 581 -26.08 -9.84 -8.93
CA VAL A 581 -24.87 -10.59 -8.50
C VAL A 581 -25.13 -11.16 -7.11
N SER A 582 -24.79 -12.43 -6.92
CA SER A 582 -24.65 -13.08 -5.60
C SER A 582 -23.14 -13.15 -5.31
N ASP A 583 -22.61 -12.20 -4.52
CA ASP A 583 -21.14 -12.08 -4.36
C ASP A 583 -20.61 -13.34 -3.68
N LEU A 584 -19.62 -13.99 -4.31
CA LEU A 584 -19.09 -15.33 -3.90
C LEU A 584 -18.39 -15.23 -2.55
N ASN A 585 -18.16 -14.02 -2.01
CA ASN A 585 -17.33 -13.73 -0.82
C ASN A 585 -18.12 -12.96 0.25
N ASP A 586 -19.46 -12.95 0.17
CA ASP A 586 -20.38 -12.39 1.20
C ASP A 586 -20.15 -10.88 1.30
N TYR A 587 -19.88 -10.24 0.17
CA TYR A 587 -19.81 -8.77 0.09
C TYR A 587 -21.07 -8.28 -0.62
N ALA A 588 -21.96 -7.67 0.14
CA ALA A 588 -23.25 -7.17 -0.33
C ALA A 588 -23.01 -6.04 -1.35
N VAL A 589 -23.71 -6.09 -2.48
CA VAL A 589 -23.74 -4.98 -3.46
C VAL A 589 -24.50 -3.81 -2.83
N GLU A 590 -23.95 -2.61 -2.89
CA GLU A 590 -24.59 -1.47 -2.19
C GLU A 590 -24.67 -0.28 -3.14
N HIS A 591 -23.56 0.14 -3.75
CA HIS A 591 -23.52 1.31 -4.64
C HIS A 591 -22.45 1.13 -5.71
N ASP A 592 -22.33 2.12 -6.60
CA ASP A 592 -21.42 2.09 -7.75
C ASP A 592 -20.16 2.88 -7.39
N PHE A 593 -19.33 3.12 -8.40
CA PHE A 593 -18.05 3.88 -8.36
C PHE A 593 -18.25 5.26 -7.69
N PHE A 594 -19.42 5.89 -7.83
CA PHE A 594 -19.67 7.30 -7.43
C PHE A 594 -20.43 7.37 -6.11
N GLY A 595 -20.83 6.23 -5.56
CA GLY A 595 -21.73 6.15 -4.38
C GLY A 595 -23.22 6.11 -4.76
N ASN A 596 -23.60 6.13 -6.05
CA ASN A 596 -25.03 5.97 -6.46
C ASN A 596 -25.48 4.55 -6.08
N THR A 597 -26.60 4.44 -5.35
CA THR A 597 -27.21 3.16 -4.92
C THR A 597 -27.56 2.35 -6.18
N ILE A 598 -27.39 1.03 -6.11
CA ILE A 598 -27.81 0.10 -7.19
C ILE A 598 -29.33 -0.10 -7.02
N LYS A 599 -30.09 0.22 -8.06
CA LYS A 599 -31.58 0.24 -8.05
C LYS A 599 -32.03 -0.82 -9.05
N GLY A 600 -32.64 -1.89 -8.59
CA GLY A 600 -33.17 -2.92 -9.50
C GLY A 600 -32.07 -3.75 -10.09
N LYS A 601 -32.30 -4.27 -11.29
CA LYS A 601 -31.27 -4.98 -12.07
C LYS A 601 -30.14 -3.99 -12.32
N PRO A 602 -28.89 -4.29 -11.87
CA PRO A 602 -27.79 -3.34 -11.99
C PRO A 602 -27.51 -2.95 -13.44
N ASP A 603 -27.02 -1.73 -13.67
CA ASP A 603 -26.44 -1.32 -14.96
C ASP A 603 -25.13 -2.09 -15.15
N LEU A 604 -24.87 -2.55 -16.38
CA LEU A 604 -23.56 -3.13 -16.75
C LEU A 604 -22.45 -2.12 -16.46
N GLY A 605 -21.31 -2.60 -15.95
CA GLY A 605 -20.11 -1.81 -15.68
C GLY A 605 -20.14 -1.15 -14.33
N ALA A 606 -19.29 -0.15 -14.14
CA ALA A 606 -18.91 0.43 -12.82
C ALA A 606 -19.82 1.62 -12.43
N VAL A 607 -20.68 2.11 -13.33
CA VAL A 607 -21.48 3.34 -13.09
C VAL A 607 -22.98 3.12 -13.32
N GLU A 608 -23.78 3.41 -12.28
CA GLU A 608 -25.27 3.47 -12.27
C GLU A 608 -25.68 4.90 -12.69
N SER A 609 -26.38 5.09 -13.81
CA SER A 609 -26.71 6.43 -14.37
C SER A 609 -27.73 7.20 -13.53
C1 NAG B . 4.08 -10.83 -5.80
C2 NAG B . 4.58 -11.74 -4.63
C3 NAG B . 4.93 -10.99 -3.33
C4 NAG B . 5.45 -9.58 -3.62
C5 NAG B . 4.55 -8.71 -4.50
C6 NAG B . 5.23 -7.36 -4.84
C7 NAG B . 3.90 -14.13 -4.26
C8 NAG B . 2.78 -15.04 -3.90
N2 NAG B . 3.61 -12.82 -4.34
O1 NAG B . 4.78 -11.26 -6.99
O3 NAG B . 6.00 -11.74 -2.68
O4 NAG B . 5.62 -8.87 -2.38
O5 NAG B . 4.23 -9.39 -5.72
O6 NAG B . 6.39 -6.99 -3.99
O7 NAG B . 5.01 -14.59 -4.45
C1 GAL B . 5.97 -11.90 -1.21
C2 GAL B . 7.26 -12.70 -0.81
C3 GAL B . 7.21 -12.95 0.71
C4 GAL B . 7.20 -11.58 1.42
C5 GAL B . 5.91 -10.87 1.04
C6 GAL B . 5.97 -9.58 1.79
O2 GAL B . 7.41 -13.95 -1.48
O3 GAL B . 8.29 -13.78 1.15
O4 GAL B . 8.30 -10.70 1.05
O5 GAL B . 5.78 -10.70 -0.39
O6 GAL B . 4.70 -9.21 2.27
#